data_2M6A
#
_entry.id   2M6A
#
_cell.length_a   1.000
_cell.length_b   1.000
_cell.length_c   1.000
_cell.angle_alpha   90.00
_cell.angle_beta   90.00
_cell.angle_gamma   90.00
#
_symmetry.space_group_name_H-M   'P 1'
#
_entity_poly.entity_id   1
_entity_poly.type   'polypeptide(L)'
_entity_poly.pdbx_seq_one_letter_code
;ADDRCERMCQRYHDRREKKQCMKGCRYG
;
_entity_poly.pdbx_strand_id   A
#
# COMPACT_ATOMS: atom_id res chain seq x y z
N ALA A 1 -11.27 -5.32 -3.78
CA ALA A 1 -10.64 -4.92 -5.02
C ALA A 1 -9.31 -5.64 -5.23
N ASP A 2 -8.66 -5.36 -6.35
CA ASP A 2 -7.38 -6.00 -6.67
C ASP A 2 -6.24 -5.33 -5.90
N ASP A 3 -5.15 -6.05 -5.73
CA ASP A 3 -3.99 -5.54 -5.02
C ASP A 3 -3.18 -4.60 -5.90
N ARG A 4 -3.82 -3.53 -6.37
CA ARG A 4 -3.16 -2.55 -7.23
C ARG A 4 -2.11 -1.76 -6.45
N CYS A 5 -2.56 -1.01 -5.45
CA CYS A 5 -1.66 -0.20 -4.64
C CYS A 5 -0.64 -1.09 -3.93
N GLU A 6 -1.09 -2.25 -3.47
CA GLU A 6 -0.22 -3.19 -2.76
C GLU A 6 0.97 -3.59 -3.64
N ARG A 7 0.68 -3.96 -4.88
CA ARG A 7 1.73 -4.36 -5.82
C ARG A 7 2.78 -3.28 -5.95
N MET A 8 2.35 -2.05 -6.20
CA MET A 8 3.27 -0.93 -6.35
C MET A 8 3.93 -0.59 -5.02
N CYS A 9 3.26 -0.94 -3.93
CA CYS A 9 3.79 -0.67 -2.59
C CYS A 9 4.61 -1.86 -2.08
N GLN A 10 4.93 -2.77 -2.99
CA GLN A 10 5.71 -3.95 -2.63
C GLN A 10 7.05 -3.55 -2.03
N ARG A 11 7.53 -2.36 -2.38
CA ARG A 11 8.80 -1.87 -1.87
C ARG A 11 8.83 -1.92 -0.35
N TYR A 12 7.70 -1.64 0.27
CA TYR A 12 7.60 -1.66 1.73
C TYR A 12 7.59 -3.09 2.27
N HIS A 13 6.62 -3.88 1.80
CA HIS A 13 6.49 -5.26 2.22
C HIS A 13 5.98 -5.35 3.66
N ASP A 14 6.82 -4.92 4.60
CA ASP A 14 6.45 -4.95 6.02
C ASP A 14 5.08 -4.29 6.24
N ARG A 15 4.22 -4.97 6.98
CA ARG A 15 2.88 -4.46 7.25
C ARG A 15 2.96 -3.07 7.88
N ARG A 16 4.07 -2.79 8.55
CA ARG A 16 4.28 -1.51 9.21
C ARG A 16 4.31 -0.38 8.20
N GLU A 17 5.33 -0.40 7.33
CA GLU A 17 5.48 0.62 6.31
C GLU A 17 4.28 0.65 5.38
N LYS A 18 3.57 -0.48 5.30
CA LYS A 18 2.40 -0.59 4.44
C LYS A 18 1.29 0.34 4.93
N LYS A 19 1.32 0.68 6.21
CA LYS A 19 0.32 1.56 6.79
C LYS A 19 0.23 2.87 6.02
N GLN A 20 1.36 3.56 5.90
CA GLN A 20 1.41 4.83 5.18
C GLN A 20 0.86 4.68 3.76
N CYS A 21 1.13 3.53 3.16
CA CYS A 21 0.67 3.25 1.80
C CYS A 21 -0.85 3.16 1.75
N MET A 22 -1.42 2.38 2.66
CA MET A 22 -2.87 2.22 2.72
C MET A 22 -3.57 3.57 2.93
N LYS A 23 -2.91 4.45 3.67
CA LYS A 23 -3.46 5.77 3.95
C LYS A 23 -3.43 6.65 2.70
N GLY A 24 -2.37 6.49 1.90
CA GLY A 24 -2.24 7.28 0.69
C GLY A 24 -3.13 6.77 -0.43
N CYS A 25 -3.45 5.49 -0.40
CA CYS A 25 -4.30 4.89 -1.42
C CYS A 25 -5.77 5.12 -1.10
N ARG A 26 -6.03 5.82 0.00
CA ARG A 26 -7.40 6.12 0.42
C ARG A 26 -7.93 7.34 -0.31
N TYR A 27 -7.11 7.91 -1.19
CA TYR A 27 -7.51 9.08 -1.96
C TYR A 27 -8.27 8.69 -3.22
N GLY A 28 -7.91 7.54 -3.79
CA GLY A 28 -8.57 7.07 -4.99
C GLY A 28 -7.73 6.06 -5.75
N ALA A 1 -10.82 -4.67 -5.47
CA ALA A 1 -10.90 -5.87 -6.28
C ALA A 1 -9.52 -6.32 -6.74
N ASP A 2 -8.70 -5.37 -7.18
CA ASP A 2 -7.36 -5.66 -7.64
C ASP A 2 -6.32 -5.07 -6.70
N ASP A 3 -5.30 -5.87 -6.35
CA ASP A 3 -4.25 -5.42 -5.46
C ASP A 3 -3.24 -4.56 -6.19
N ARG A 4 -3.71 -3.47 -6.78
CA ARG A 4 -2.85 -2.55 -7.52
C ARG A 4 -1.95 -1.77 -6.57
N CYS A 5 -2.52 -1.33 -5.45
CA CYS A 5 -1.77 -0.57 -4.46
C CYS A 5 -0.73 -1.45 -3.76
N GLU A 6 -1.16 -2.63 -3.33
CA GLU A 6 -0.27 -3.57 -2.65
C GLU A 6 0.93 -3.91 -3.54
N ARG A 7 0.65 -4.27 -4.78
CA ARG A 7 1.71 -4.63 -5.73
C ARG A 7 2.75 -3.52 -5.83
N MET A 8 2.27 -2.30 -6.06
CA MET A 8 3.16 -1.14 -6.18
C MET A 8 3.83 -0.82 -4.84
N CYS A 9 3.17 -1.20 -3.76
CA CYS A 9 3.70 -0.96 -2.42
C CYS A 9 4.53 -2.14 -1.94
N GLN A 10 4.86 -3.04 -2.86
CA GLN A 10 5.64 -4.23 -2.53
C GLN A 10 6.98 -3.83 -1.91
N ARG A 11 7.43 -2.62 -2.20
CA ARG A 11 8.69 -2.12 -1.69
C ARG A 11 8.69 -2.13 -0.16
N TYR A 12 7.52 -1.91 0.43
CA TYR A 12 7.38 -1.88 1.88
C TYR A 12 7.17 -3.29 2.42
N HIS A 13 8.27 -4.02 2.59
CA HIS A 13 8.20 -5.39 3.11
C HIS A 13 8.02 -5.38 4.63
N ASP A 14 6.92 -4.78 5.08
CA ASP A 14 6.63 -4.71 6.51
C ASP A 14 5.28 -4.05 6.75
N ARG A 15 4.47 -4.68 7.59
CA ARG A 15 3.15 -4.14 7.91
C ARG A 15 3.24 -2.71 8.42
N ARG A 16 4.39 -2.36 8.97
CA ARG A 16 4.60 -1.01 9.50
C ARG A 16 4.58 0.02 8.37
N GLU A 17 5.55 -0.08 7.47
CA GLU A 17 5.63 0.85 6.34
C GLU A 17 4.38 0.79 5.49
N LYS A 18 3.68 -0.34 5.55
CA LYS A 18 2.46 -0.54 4.78
C LYS A 18 1.37 0.43 5.23
N LYS A 19 1.47 0.88 6.48
CA LYS A 19 0.50 1.80 7.04
C LYS A 19 0.35 3.04 6.16
N GLN A 20 1.47 3.73 5.93
CA GLN A 20 1.46 4.93 5.10
C GLN A 20 0.86 4.64 3.72
N CYS A 21 1.12 3.45 3.21
CA CYS A 21 0.61 3.05 1.91
C CYS A 21 -0.91 2.95 1.93
N MET A 22 -1.44 2.28 2.94
CA MET A 22 -2.88 2.11 3.08
C MET A 22 -3.58 3.47 3.21
N LYS A 23 -2.99 4.36 4.00
CA LYS A 23 -3.55 5.69 4.20
C LYS A 23 -3.54 6.49 2.89
N GLY A 24 -2.54 6.25 2.07
CA GLY A 24 -2.43 6.94 0.79
C GLY A 24 -3.33 6.34 -0.27
N CYS A 25 -3.64 5.06 -0.13
CA CYS A 25 -4.49 4.37 -1.09
C CYS A 25 -5.96 4.57 -0.75
N ARG A 26 -6.22 5.32 0.31
CA ARG A 26 -7.59 5.59 0.74
C ARG A 26 -8.21 6.72 -0.08
N TYR A 27 -7.43 7.27 -1.01
CA TYR A 27 -7.89 8.35 -1.86
C TYR A 27 -8.59 7.80 -3.11
N GLY A 28 -9.55 6.91 -2.89
CA GLY A 28 -10.27 6.33 -4.01
C GLY A 28 -9.68 5.01 -4.46
N ALA A 1 -10.29 -1.46 -1.90
CA ALA A 1 -9.16 -2.23 -1.43
C ALA A 1 -8.70 -3.26 -2.47
N ASP A 2 -8.42 -2.78 -3.68
CA ASP A 2 -7.99 -3.66 -4.75
C ASP A 2 -6.49 -3.95 -4.65
N ASP A 3 -6.01 -4.86 -5.49
CA ASP A 3 -4.60 -5.22 -5.49
C ASP A 3 -3.76 -4.15 -6.17
N ARG A 4 -4.44 -3.21 -6.85
CA ARG A 4 -3.75 -2.12 -7.54
C ARG A 4 -2.77 -1.42 -6.61
N CYS A 5 -3.22 -1.12 -5.40
CA CYS A 5 -2.38 -0.44 -4.42
C CYS A 5 -1.36 -1.40 -3.82
N GLU A 6 -1.76 -2.66 -3.66
CA GLU A 6 -0.88 -3.68 -3.10
C GLU A 6 0.44 -3.73 -3.85
N ARG A 7 0.35 -3.95 -5.16
CA ARG A 7 1.55 -4.03 -6.00
C ARG A 7 2.40 -2.77 -5.85
N MET A 8 1.74 -1.63 -5.73
CA MET A 8 2.44 -0.36 -5.58
C MET A 8 3.20 -0.30 -4.26
N CYS A 9 2.68 -0.99 -3.24
CA CYS A 9 3.30 -1.02 -1.93
C CYS A 9 4.27 -2.20 -1.82
N GLN A 10 4.55 -2.83 -2.96
CA GLN A 10 5.46 -3.97 -3.00
C GLN A 10 6.84 -3.58 -2.50
N ARG A 11 7.17 -2.30 -2.62
CA ARG A 11 8.47 -1.80 -2.19
C ARG A 11 8.63 -1.94 -0.68
N TYR A 12 7.53 -1.75 0.05
CA TYR A 12 7.55 -1.86 1.50
C TYR A 12 7.21 -3.27 1.95
N HIS A 13 8.22 -4.12 2.08
CA HIS A 13 8.02 -5.50 2.51
C HIS A 13 7.82 -5.58 4.02
N ASP A 14 6.81 -4.89 4.52
CA ASP A 14 6.52 -4.88 5.95
C ASP A 14 5.16 -4.25 6.22
N ARG A 15 4.32 -4.97 6.96
CA ARG A 15 2.98 -4.48 7.30
C ARG A 15 3.05 -3.09 7.93
N ARG A 16 4.16 -2.81 8.59
CA ARG A 16 4.36 -1.52 9.25
C ARG A 16 4.43 -0.39 8.22
N GLU A 17 5.45 -0.44 7.37
CA GLU A 17 5.63 0.57 6.34
C GLU A 17 4.44 0.60 5.38
N LYS A 18 3.69 -0.50 5.35
CA LYS A 18 2.53 -0.61 4.48
C LYS A 18 1.44 0.39 4.89
N LYS A 19 1.36 0.66 6.19
CA LYS A 19 0.37 1.60 6.72
C LYS A 19 0.45 2.93 5.97
N GLN A 20 1.60 3.59 6.05
CA GLN A 20 1.80 4.87 5.39
C GLN A 20 1.47 4.77 3.89
N CYS A 21 1.81 3.64 3.30
CA CYS A 21 1.56 3.41 1.88
C CYS A 21 0.07 3.37 1.60
N MET A 22 -0.68 2.72 2.47
CA MET A 22 -2.13 2.61 2.31
C MET A 22 -2.78 3.98 2.39
N LYS A 23 -2.44 4.75 3.43
CA LYS A 23 -3.00 6.08 3.62
C LYS A 23 -2.78 6.94 2.38
N GLY A 24 -1.57 6.91 1.85
CA GLY A 24 -1.25 7.68 0.67
C GLY A 24 -1.89 7.13 -0.59
N CYS A 25 -1.99 5.80 -0.66
CA CYS A 25 -2.59 5.15 -1.81
C CYS A 25 -4.11 5.13 -1.71
N ARG A 26 -4.63 5.70 -0.62
CA ARG A 26 -6.07 5.75 -0.40
C ARG A 26 -6.71 6.87 -1.21
N TYR A 27 -5.87 7.63 -1.92
CA TYR A 27 -6.35 8.74 -2.74
C TYR A 27 -5.41 8.99 -3.93
N GLY A 28 -4.91 7.91 -4.52
CA GLY A 28 -4.01 8.03 -5.65
C GLY A 28 -2.59 7.65 -5.30
N ALA A 1 -11.41 -3.81 -9.79
CA ALA A 1 -10.60 -3.75 -8.58
C ALA A 1 -9.54 -4.84 -8.56
N ASP A 2 -8.43 -4.58 -7.88
CA ASP A 2 -7.34 -5.54 -7.79
C ASP A 2 -6.27 -5.05 -6.83
N ASP A 3 -5.18 -5.81 -6.72
CA ASP A 3 -4.08 -5.45 -5.84
C ASP A 3 -3.18 -4.41 -6.49
N ARG A 4 -3.76 -3.27 -6.84
CA ARG A 4 -3.01 -2.19 -7.48
C ARG A 4 -2.08 -1.51 -6.47
N CYS A 5 -2.65 -1.10 -5.34
CA CYS A 5 -1.88 -0.43 -4.29
C CYS A 5 -0.83 -1.37 -3.72
N GLU A 6 -1.20 -2.63 -3.54
CA GLU A 6 -0.29 -3.63 -2.99
C GLU A 6 0.94 -3.80 -3.87
N ARG A 7 0.71 -4.01 -5.16
CA ARG A 7 1.80 -4.19 -6.11
C ARG A 7 2.76 -3.00 -6.06
N MET A 8 2.21 -1.79 -6.11
CA MET A 8 3.02 -0.58 -6.07
C MET A 8 3.70 -0.44 -4.71
N CYS A 9 3.04 -0.92 -3.67
CA CYS A 9 3.58 -0.84 -2.32
C CYS A 9 4.36 -2.10 -1.96
N GLN A 10 4.69 -2.90 -2.99
CA GLN A 10 5.43 -4.13 -2.79
C GLN A 10 6.77 -3.86 -2.10
N ARG A 11 7.26 -2.64 -2.24
CA ARG A 11 8.53 -2.25 -1.63
C ARG A 11 8.47 -2.42 -0.12
N TYR A 12 7.35 -2.04 0.47
CA TYR A 12 7.18 -2.14 1.92
C TYR A 12 6.74 -3.55 2.31
N HIS A 13 7.69 -4.35 2.77
CA HIS A 13 7.40 -5.72 3.20
C HIS A 13 7.18 -5.80 4.70
N ASP A 14 6.68 -4.70 5.27
CA ASP A 14 6.40 -4.65 6.70
C ASP A 14 5.09 -3.92 6.99
N ARG A 15 4.30 -4.47 7.89
CA ARG A 15 3.02 -3.88 8.25
C ARG A 15 3.19 -2.42 8.68
N ARG A 16 4.38 -2.10 9.18
CA ARG A 16 4.68 -0.74 9.63
C ARG A 16 4.66 0.23 8.46
N GLU A 17 5.59 0.05 7.53
CA GLU A 17 5.68 0.92 6.36
C GLU A 17 4.39 0.85 5.54
N LYS A 18 3.67 -0.25 5.67
CA LYS A 18 2.42 -0.43 4.94
C LYS A 18 1.37 0.58 5.39
N LYS A 19 1.52 1.08 6.62
CA LYS A 19 0.59 2.07 7.16
C LYS A 19 0.46 3.27 6.24
N GLN A 20 1.59 3.91 5.94
CA GLN A 20 1.60 5.07 5.06
C GLN A 20 0.95 4.75 3.72
N CYS A 21 1.16 3.52 3.25
CA CYS A 21 0.60 3.09 1.98
C CYS A 21 -0.92 3.04 2.05
N MET A 22 -1.45 2.44 3.10
CA MET A 22 -2.89 2.33 3.29
C MET A 22 -3.54 3.71 3.36
N LYS A 23 -2.86 4.65 4.02
CA LYS A 23 -3.36 6.00 4.15
C LYS A 23 -3.37 6.73 2.81
N GLY A 24 -2.35 6.45 1.99
CA GLY A 24 -2.26 7.08 0.70
C GLY A 24 -3.20 6.46 -0.32
N CYS A 25 -3.62 5.23 -0.06
CA CYS A 25 -4.52 4.51 -0.96
C CYS A 25 -5.97 4.88 -0.67
N ARG A 26 -6.17 5.76 0.32
CA ARG A 26 -7.51 6.19 0.69
C ARG A 26 -7.98 7.36 -0.18
N TYR A 27 -7.14 7.71 -1.15
CA TYR A 27 -7.46 8.82 -2.06
C TYR A 27 -8.28 8.32 -3.25
N GLY A 28 -7.80 7.26 -3.89
CA GLY A 28 -8.49 6.70 -5.03
C GLY A 28 -7.80 5.47 -5.59
N ALA A 1 -9.35 -7.19 -5.08
CA ALA A 1 -9.12 -5.95 -5.80
C ALA A 1 -8.11 -5.06 -5.09
N ASP A 2 -7.81 -3.91 -5.67
CA ASP A 2 -6.86 -2.97 -5.09
C ASP A 2 -5.47 -3.59 -5.00
N ASP A 3 -5.17 -4.49 -5.94
CA ASP A 3 -3.87 -5.15 -5.97
C ASP A 3 -2.79 -4.22 -6.52
N ARG A 4 -3.21 -3.28 -7.36
CA ARG A 4 -2.28 -2.33 -7.97
C ARG A 4 -1.43 -1.65 -6.89
N CYS A 5 -2.06 -1.28 -5.79
CA CYS A 5 -1.36 -0.61 -4.69
C CYS A 5 -0.41 -1.60 -3.99
N GLU A 6 -0.87 -2.83 -3.81
CA GLU A 6 -0.07 -3.85 -3.15
C GLU A 6 1.25 -4.07 -3.89
N ARG A 7 1.16 -4.36 -5.18
CA ARG A 7 2.35 -4.59 -6.00
C ARG A 7 3.31 -3.41 -5.92
N MET A 8 2.76 -2.21 -6.10
CA MET A 8 3.57 -0.99 -6.05
C MET A 8 4.17 -0.81 -4.66
N CYS A 9 3.46 -1.27 -3.64
CA CYS A 9 3.92 -1.15 -2.26
C CYS A 9 4.65 -2.41 -1.82
N GLN A 10 5.01 -3.24 -2.80
CA GLN A 10 5.73 -4.49 -2.50
C GLN A 10 7.03 -4.21 -1.77
N ARG A 11 7.56 -3.00 -1.94
CA ARG A 11 8.81 -2.62 -1.30
C ARG A 11 8.68 -2.70 0.22
N TYR A 12 7.48 -2.42 0.73
CA TYR A 12 7.23 -2.45 2.16
C TYR A 12 6.74 -3.84 2.59
N HIS A 13 7.65 -4.63 3.15
CA HIS A 13 7.31 -5.98 3.60
C HIS A 13 6.98 -5.98 5.09
N ASP A 14 6.56 -4.83 5.60
CA ASP A 14 6.22 -4.70 7.01
C ASP A 14 4.89 -3.95 7.17
N ARG A 15 4.05 -4.45 8.07
CA ARG A 15 2.75 -3.83 8.32
C ARG A 15 2.91 -2.36 8.70
N ARG A 16 4.08 -2.01 9.23
CA ARG A 16 4.36 -0.65 9.63
C ARG A 16 4.37 0.29 8.42
N GLU A 17 5.33 0.07 7.53
CA GLU A 17 5.46 0.89 6.33
C GLU A 17 4.20 0.78 5.47
N LYS A 18 3.47 -0.32 5.62
CA LYS A 18 2.26 -0.55 4.86
C LYS A 18 1.18 0.48 5.22
N LYS A 19 1.27 1.00 6.44
CA LYS A 19 0.31 2.00 6.92
C LYS A 19 0.24 3.18 5.97
N GLN A 20 1.38 3.83 5.75
CA GLN A 20 1.45 4.98 4.85
C GLN A 20 0.90 4.63 3.48
N CYS A 21 1.15 3.41 3.04
CA CYS A 21 0.68 2.95 1.74
C CYS A 21 -0.84 2.90 1.69
N MET A 22 -1.43 2.34 2.74
CA MET A 22 -2.89 2.22 2.82
C MET A 22 -3.54 3.59 2.86
N LYS A 23 -3.01 4.47 3.71
CA LYS A 23 -3.55 5.82 3.85
C LYS A 23 -3.59 6.52 2.49
N GLY A 24 -2.52 6.40 1.72
CA GLY A 24 -2.47 7.03 0.41
C GLY A 24 -3.36 6.35 -0.59
N CYS A 25 -3.52 5.04 -0.45
CA CYS A 25 -4.36 4.25 -1.35
C CYS A 25 -5.81 4.30 -0.91
N ARG A 26 -6.08 5.02 0.17
CA ARG A 26 -7.44 5.13 0.69
C ARG A 26 -8.24 6.18 -0.08
N TYR A 27 -7.58 6.81 -1.06
CA TYR A 27 -8.22 7.83 -1.87
C TYR A 27 -9.13 7.20 -2.92
N GLY A 28 -8.53 6.44 -3.84
CA GLY A 28 -9.29 5.79 -4.88
C GLY A 28 -10.03 4.57 -4.38
N ALA A 1 -10.36 -1.22 -2.79
CA ALA A 1 -9.24 -2.01 -2.30
C ALA A 1 -8.71 -2.93 -3.41
N ASP A 2 -8.05 -2.34 -4.39
CA ASP A 2 -7.49 -3.10 -5.51
C ASP A 2 -6.04 -3.47 -5.23
N ASP A 3 -5.55 -4.47 -5.96
CA ASP A 3 -4.17 -4.92 -5.80
C ASP A 3 -3.19 -3.94 -6.45
N ARG A 4 -3.73 -3.02 -7.23
CA ARG A 4 -2.91 -2.03 -7.91
C ARG A 4 -1.96 -1.33 -6.94
N CYS A 5 -2.46 -1.07 -5.73
CA CYS A 5 -1.66 -0.41 -4.70
C CYS A 5 -0.63 -1.38 -4.12
N GLU A 6 -1.01 -2.65 -4.02
CA GLU A 6 -0.12 -3.67 -3.48
C GLU A 6 1.15 -3.79 -4.31
N ARG A 7 0.98 -3.97 -5.62
CA ARG A 7 2.12 -4.11 -6.53
C ARG A 7 3.06 -2.91 -6.40
N MET A 8 2.49 -1.71 -6.41
CA MET A 8 3.28 -0.49 -6.30
C MET A 8 3.93 -0.39 -4.92
N CYS A 9 3.23 -0.91 -3.91
CA CYS A 9 3.74 -0.88 -2.54
C CYS A 9 4.52 -2.15 -2.23
N GLN A 10 4.87 -2.90 -3.26
CA GLN A 10 5.62 -4.15 -3.10
C GLN A 10 6.92 -3.89 -2.34
N ARG A 11 7.42 -2.67 -2.42
CA ARG A 11 8.66 -2.30 -1.74
C ARG A 11 8.54 -2.52 -0.23
N TYR A 12 7.40 -2.15 0.33
CA TYR A 12 7.16 -2.31 1.75
C TYR A 12 6.73 -3.73 2.09
N HIS A 13 7.69 -4.53 2.56
CA HIS A 13 7.41 -5.91 2.92
C HIS A 13 7.13 -6.05 4.41
N ASP A 14 6.61 -4.97 5.01
CA ASP A 14 6.30 -4.97 6.44
C ASP A 14 4.97 -4.27 6.69
N ARG A 15 4.16 -4.86 7.57
CA ARG A 15 2.86 -4.30 7.90
C ARG A 15 2.99 -2.86 8.37
N ARG A 16 4.15 -2.52 8.91
CA ARG A 16 4.42 -1.17 9.40
C ARG A 16 4.38 -0.16 8.26
N GLU A 17 5.32 -0.30 7.34
CA GLU A 17 5.40 0.61 6.19
C GLU A 17 4.13 0.53 5.34
N LYS A 18 3.46 -0.62 5.42
CA LYS A 18 2.23 -0.84 4.66
C LYS A 18 1.13 0.13 5.12
N LYS A 19 1.21 0.56 6.38
CA LYS A 19 0.23 1.48 6.93
C LYS A 19 0.09 2.72 6.07
N GLN A 20 1.21 3.43 5.89
CA GLN A 20 1.22 4.65 5.08
C GLN A 20 0.66 4.38 3.69
N CYS A 21 0.95 3.19 3.16
CA CYS A 21 0.47 2.82 1.82
C CYS A 21 -1.05 2.71 1.80
N MET A 22 -1.60 2.05 2.81
CA MET A 22 -3.05 1.87 2.90
C MET A 22 -3.75 3.23 2.99
N LYS A 23 -3.24 4.09 3.85
CA LYS A 23 -3.82 5.42 4.03
C LYS A 23 -3.79 6.22 2.72
N GLY A 24 -2.71 6.06 1.98
CA GLY A 24 -2.57 6.77 0.71
C GLY A 24 -3.47 6.19 -0.37
N CYS A 25 -3.78 4.91 -0.25
CA CYS A 25 -4.62 4.23 -1.22
C CYS A 25 -6.10 4.44 -0.90
N ARG A 26 -6.36 5.20 0.17
CA ARG A 26 -7.74 5.47 0.59
C ARG A 26 -8.32 6.62 -0.22
N TYR A 27 -7.52 7.16 -1.14
CA TYR A 27 -7.97 8.28 -1.98
C TYR A 27 -8.71 7.77 -3.20
N GLY A 28 -8.05 6.94 -4.00
CA GLY A 28 -8.67 6.40 -5.20
C GLY A 28 -8.97 4.91 -5.07
N ALA A 1 -6.99 -4.58 -13.38
CA ALA A 1 -6.57 -3.29 -12.88
C ALA A 1 -7.32 -2.93 -11.59
N ASP A 2 -7.43 -3.89 -10.69
CA ASP A 2 -8.13 -3.67 -9.43
C ASP A 2 -7.27 -4.12 -8.25
N ASP A 3 -5.96 -3.99 -8.41
CA ASP A 3 -5.02 -4.38 -7.36
C ASP A 3 -3.70 -3.62 -7.49
N ARG A 4 -3.76 -2.47 -8.15
CA ARG A 4 -2.57 -1.65 -8.35
C ARG A 4 -1.97 -1.23 -7.01
N CYS A 5 -2.84 -0.95 -6.04
CA CYS A 5 -2.39 -0.53 -4.72
C CYS A 5 -1.65 -1.66 -4.01
N GLU A 6 -2.30 -2.82 -3.94
CA GLU A 6 -1.70 -3.98 -3.28
C GLU A 6 -0.31 -4.26 -3.83
N ARG A 7 -0.22 -4.41 -5.15
CA ARG A 7 1.05 -4.69 -5.80
C ARG A 7 2.09 -3.62 -5.44
N MET A 8 1.68 -2.36 -5.51
CA MET A 8 2.58 -1.26 -5.19
C MET A 8 3.10 -1.38 -3.75
N CYS A 9 2.21 -1.73 -2.83
CA CYS A 9 2.57 -1.88 -1.43
C CYS A 9 3.44 -3.11 -1.23
N GLN A 10 3.38 -4.04 -2.17
CA GLN A 10 4.16 -5.27 -2.10
C GLN A 10 5.65 -4.96 -1.97
N ARG A 11 6.06 -3.85 -2.56
CA ARG A 11 7.46 -3.44 -2.53
C ARG A 11 7.93 -3.23 -1.10
N TYR A 12 6.99 -2.91 -0.21
CA TYR A 12 7.31 -2.68 1.19
C TYR A 12 7.13 -3.96 2.01
N HIS A 13 8.20 -4.74 2.14
CA HIS A 13 8.15 -5.99 2.90
C HIS A 13 8.19 -5.72 4.40
N ASP A 14 7.18 -4.99 4.89
CA ASP A 14 7.10 -4.67 6.30
C ASP A 14 5.74 -4.05 6.64
N ARG A 15 5.05 -4.64 7.61
CA ARG A 15 3.75 -4.15 8.02
C ARG A 15 3.80 -2.67 8.38
N ARG A 16 4.98 -2.22 8.81
CA ARG A 16 5.17 -0.83 9.19
C ARG A 16 5.00 0.09 7.98
N GLU A 17 5.90 -0.07 7.00
CA GLU A 17 5.84 0.76 5.80
C GLU A 17 4.51 0.59 5.07
N LYS A 18 3.85 -0.54 5.32
CA LYS A 18 2.56 -0.83 4.70
C LYS A 18 1.50 0.16 5.17
N LYS A 19 1.59 0.56 6.45
CA LYS A 19 0.64 1.50 7.02
C LYS A 19 0.50 2.74 6.14
N GLN A 20 1.61 3.44 5.94
CA GLN A 20 1.61 4.65 5.11
C GLN A 20 1.04 4.36 3.72
N CYS A 21 1.32 3.18 3.20
CA CYS A 21 0.84 2.78 1.89
C CYS A 21 -0.68 2.66 1.89
N MET A 22 -1.22 1.97 2.89
CA MET A 22 -2.66 1.77 3.00
C MET A 22 -3.37 3.11 3.16
N LYS A 23 -2.84 3.97 4.02
CA LYS A 23 -3.42 5.28 4.25
C LYS A 23 -3.45 6.10 2.97
N GLY A 24 -2.42 5.94 2.14
CA GLY A 24 -2.35 6.67 0.89
C GLY A 24 -3.38 6.19 -0.12
N CYS A 25 -3.64 4.89 -0.12
CA CYS A 25 -4.60 4.31 -1.05
C CYS A 25 -6.03 4.59 -0.59
N ARG A 26 -6.16 5.20 0.58
CA ARG A 26 -7.48 5.53 1.13
C ARG A 26 -8.05 6.78 0.46
N TYR A 27 -7.26 7.38 -0.43
CA TYR A 27 -7.69 8.58 -1.13
C TYR A 27 -7.02 8.69 -2.50
N GLY A 28 -6.90 7.54 -3.18
CA GLY A 28 -6.27 7.52 -4.49
C GLY A 28 -5.85 6.13 -4.91
N ALA A 1 -9.52 -7.54 -9.15
CA ALA A 1 -8.82 -6.98 -8.00
C ALA A 1 -7.74 -5.99 -8.45
N ASP A 2 -8.06 -4.71 -8.40
CA ASP A 2 -7.11 -3.67 -8.79
C ASP A 2 -6.19 -3.31 -7.63
N ASP A 3 -5.33 -4.25 -7.24
CA ASP A 3 -4.40 -4.03 -6.14
C ASP A 3 -3.14 -3.33 -6.63
N ARG A 4 -3.31 -2.19 -7.30
CA ARG A 4 -2.19 -1.44 -7.82
C ARG A 4 -1.32 -0.89 -6.69
N CYS A 5 -1.96 -0.27 -5.71
CA CYS A 5 -1.25 0.30 -4.57
C CYS A 5 -0.48 -0.78 -3.82
N GLU A 6 -1.17 -1.87 -3.49
CA GLU A 6 -0.55 -2.98 -2.77
C GLU A 6 0.67 -3.50 -3.52
N ARG A 7 0.53 -3.68 -4.83
CA ARG A 7 1.61 -4.17 -5.66
C ARG A 7 2.82 -3.26 -5.58
N MET A 8 2.59 -1.96 -5.75
CA MET A 8 3.65 -0.97 -5.70
C MET A 8 4.27 -0.91 -4.30
N CYS A 9 3.42 -1.03 -3.28
CA CYS A 9 3.88 -0.99 -1.90
C CYS A 9 4.41 -2.35 -1.46
N GLN A 10 4.39 -3.32 -2.37
CA GLN A 10 4.88 -4.65 -2.08
C GLN A 10 6.38 -4.64 -1.79
N ARG A 11 7.04 -3.58 -2.23
CA ARG A 11 8.48 -3.44 -2.02
C ARG A 11 8.81 -3.43 -0.52
N TYR A 12 7.87 -2.92 0.28
CA TYR A 12 8.06 -2.84 1.72
C TYR A 12 7.85 -4.21 2.36
N HIS A 13 6.74 -4.85 2.02
CA HIS A 13 6.42 -6.17 2.57
C HIS A 13 6.35 -6.12 4.09
N ASP A 14 6.10 -4.93 4.63
CA ASP A 14 6.01 -4.76 6.07
C ASP A 14 4.75 -3.98 6.45
N ARG A 15 4.00 -4.51 7.40
CA ARG A 15 2.77 -3.87 7.85
C ARG A 15 3.02 -2.43 8.28
N ARG A 16 4.25 -2.17 8.72
CA ARG A 16 4.62 -0.83 9.16
C ARG A 16 4.54 0.17 8.01
N GLU A 17 5.40 -0.01 7.02
CA GLU A 17 5.42 0.88 5.86
C GLU A 17 4.10 0.81 5.09
N LYS A 18 3.40 -0.32 5.22
CA LYS A 18 2.13 -0.51 4.54
C LYS A 18 1.09 0.48 5.05
N LYS A 19 1.21 0.86 6.32
CA LYS A 19 0.28 1.80 6.93
C LYS A 19 0.20 3.09 6.11
N GLN A 20 1.34 3.76 5.94
CA GLN A 20 1.39 5.00 5.18
C GLN A 20 0.82 4.80 3.78
N CYS A 21 1.06 3.62 3.21
CA CYS A 21 0.57 3.31 1.87
C CYS A 21 -0.96 3.25 1.85
N MET A 22 -1.54 2.60 2.86
CA MET A 22 -2.99 2.49 2.95
C MET A 22 -3.64 3.85 3.10
N LYS A 23 -3.11 4.68 3.99
CA LYS A 23 -3.63 6.01 4.22
C LYS A 23 -3.56 6.85 2.95
N GLY A 24 -2.45 6.73 2.23
CA GLY A 24 -2.28 7.48 1.01
C GLY A 24 -3.19 7.00 -0.10
N CYS A 25 -3.45 5.69 -0.14
CA CYS A 25 -4.31 5.11 -1.15
C CYS A 25 -5.78 5.22 -0.74
N ARG A 26 -6.02 5.80 0.43
CA ARG A 26 -7.38 5.96 0.93
C ARG A 26 -8.03 7.21 0.34
N TYR A 27 -7.31 7.90 -0.53
CA TYR A 27 -7.80 9.12 -1.16
C TYR A 27 -8.59 8.79 -2.42
N GLY A 28 -9.57 7.90 -2.28
CA GLY A 28 -10.39 7.51 -3.43
C GLY A 28 -11.62 6.75 -3.01
N ALA A 1 -9.63 -1.04 -0.01
CA ALA A 1 -8.38 -1.09 -0.74
C ALA A 1 -8.30 -2.34 -1.62
N ASP A 2 -7.82 -2.17 -2.85
CA ASP A 2 -7.70 -3.29 -3.78
C ASP A 2 -6.26 -3.80 -3.83
N ASP A 3 -6.01 -4.76 -4.71
CA ASP A 3 -4.69 -5.35 -4.86
C ASP A 3 -3.79 -4.42 -5.68
N ARG A 4 -4.40 -3.60 -6.53
CA ARG A 4 -3.66 -2.67 -7.37
C ARG A 4 -2.70 -1.84 -6.54
N CYS A 5 -3.14 -1.44 -5.35
CA CYS A 5 -2.31 -0.63 -4.46
C CYS A 5 -1.24 -1.48 -3.80
N GLU A 6 -1.61 -2.68 -3.38
CA GLU A 6 -0.68 -3.59 -2.73
C GLU A 6 0.57 -3.78 -3.57
N ARG A 7 0.38 -4.13 -4.84
CA ARG A 7 1.49 -4.35 -5.75
C ARG A 7 2.40 -3.12 -5.80
N MET A 8 1.79 -1.94 -5.92
CA MET A 8 2.54 -0.70 -5.97
C MET A 8 3.27 -0.44 -4.65
N CYS A 9 2.75 -1.04 -3.57
CA CYS A 9 3.35 -0.86 -2.25
C CYS A 9 4.40 -1.94 -1.99
N GLN A 10 4.77 -2.67 -3.04
CA GLN A 10 5.77 -3.73 -2.93
C GLN A 10 7.07 -3.19 -2.37
N ARG A 11 7.33 -1.90 -2.60
CA ARG A 11 8.54 -1.26 -2.13
C ARG A 11 8.66 -1.39 -0.61
N TYR A 12 7.54 -1.56 0.06
CA TYR A 12 7.52 -1.70 1.52
C TYR A 12 7.42 -3.17 1.92
N HIS A 13 8.57 -3.78 2.20
CA HIS A 13 8.61 -5.17 2.61
C HIS A 13 8.26 -5.32 4.08
N ASP A 14 7.06 -4.87 4.45
CA ASP A 14 6.60 -4.95 5.83
C ASP A 14 5.18 -4.43 5.96
N ARG A 15 4.30 -5.24 6.56
CA ARG A 15 2.91 -4.86 6.75
C ARG A 15 2.80 -3.52 7.45
N ARG A 16 3.81 -3.19 8.26
CA ARG A 16 3.82 -1.92 8.98
C ARG A 16 3.91 -0.74 8.03
N GLU A 17 5.02 -0.66 7.30
CA GLU A 17 5.22 0.43 6.35
C GLU A 17 4.15 0.42 5.27
N LYS A 18 3.53 -0.74 5.08
CA LYS A 18 2.48 -0.89 4.07
C LYS A 18 1.27 -0.04 4.42
N LYS A 19 0.98 0.07 5.72
CA LYS A 19 -0.16 0.86 6.19
C LYS A 19 -0.13 2.25 5.60
N GLN A 20 0.95 2.99 5.89
CA GLN A 20 1.09 4.35 5.38
C GLN A 20 0.95 4.40 3.87
N CYS A 21 1.45 3.35 3.21
CA CYS A 21 1.39 3.27 1.75
C CYS A 21 -0.05 3.16 1.28
N MET A 22 -0.84 2.36 1.99
CA MET A 22 -2.24 2.17 1.63
C MET A 22 -3.02 3.47 1.76
N LYS A 23 -2.82 4.17 2.88
CA LYS A 23 -3.50 5.43 3.13
C LYS A 23 -3.23 6.43 2.01
N GLY A 24 -1.96 6.54 1.62
CA GLY A 24 -1.60 7.45 0.55
C GLY A 24 -2.03 6.96 -0.81
N CYS A 25 -2.20 5.64 -0.94
CA CYS A 25 -2.60 5.04 -2.20
C CYS A 25 -4.12 5.07 -2.35
N ARG A 26 -4.79 5.61 -1.35
CA ARG A 26 -6.25 5.71 -1.38
C ARG A 26 -6.71 6.90 -2.22
N TYR A 27 -5.75 7.64 -2.75
CA TYR A 27 -6.05 8.82 -3.56
C TYR A 27 -6.33 8.41 -5.01
N GLY A 28 -5.49 7.53 -5.54
CA GLY A 28 -5.66 7.07 -6.91
C GLY A 28 -4.35 6.99 -7.66
N ALA A 1 -10.70 -10.46 -5.22
CA ALA A 1 -9.76 -9.88 -4.27
C ALA A 1 -8.64 -9.14 -4.99
N ASP A 2 -8.99 -8.02 -5.62
CA ASP A 2 -8.00 -7.21 -6.34
C ASP A 2 -6.93 -6.69 -5.40
N ASP A 3 -5.87 -6.11 -5.97
CA ASP A 3 -4.78 -5.57 -5.18
C ASP A 3 -4.06 -4.45 -5.94
N ARG A 4 -4.80 -3.40 -6.26
CA ARG A 4 -4.24 -2.26 -6.99
C ARG A 4 -3.26 -1.49 -6.12
N CYS A 5 -3.67 -1.19 -4.90
CA CYS A 5 -2.83 -0.45 -3.97
C CYS A 5 -1.66 -1.31 -3.48
N GLU A 6 -1.96 -2.55 -3.13
CA GLU A 6 -0.95 -3.48 -2.65
C GLU A 6 0.20 -3.59 -3.64
N ARG A 7 -0.14 -3.77 -4.92
CA ARG A 7 0.86 -3.89 -5.97
C ARG A 7 1.80 -2.69 -5.96
N MET A 8 1.23 -1.49 -5.88
CA MET A 8 2.01 -0.27 -5.86
C MET A 8 2.83 -0.16 -4.59
N CYS A 9 2.38 -0.85 -3.54
CA CYS A 9 3.08 -0.83 -2.27
C CYS A 9 4.06 -2.00 -2.17
N GLN A 10 4.37 -2.60 -3.30
CA GLN A 10 5.30 -3.72 -3.35
C GLN A 10 6.64 -3.35 -2.72
N ARG A 11 6.97 -2.06 -2.78
CA ARG A 11 8.22 -1.57 -2.22
C ARG A 11 8.33 -1.91 -0.73
N TYR A 12 7.22 -1.76 -0.02
CA TYR A 12 7.18 -2.04 1.41
C TYR A 12 6.76 -3.48 1.67
N HIS A 13 7.71 -4.31 2.08
CA HIS A 13 7.44 -5.71 2.36
C HIS A 13 7.17 -5.93 3.85
N ASP A 14 6.49 -4.96 4.46
CA ASP A 14 6.16 -5.04 5.88
C ASP A 14 4.82 -4.36 6.17
N ARG A 15 3.96 -5.05 6.92
CA ARG A 15 2.65 -4.52 7.26
C ARG A 15 2.77 -3.14 7.90
N ARG A 16 3.90 -2.90 8.55
CA ARG A 16 4.15 -1.62 9.20
C ARG A 16 4.23 -0.49 8.18
N GLU A 17 5.24 -0.56 7.31
CA GLU A 17 5.42 0.46 6.28
C GLU A 17 4.22 0.53 5.36
N LYS A 18 3.43 -0.54 5.34
CA LYS A 18 2.25 -0.61 4.48
C LYS A 18 1.21 0.42 4.94
N LYS A 19 1.19 0.72 6.23
CA LYS A 19 0.25 1.67 6.79
C LYS A 19 0.33 3.01 6.04
N GLN A 20 1.50 3.63 6.07
CA GLN A 20 1.72 4.90 5.40
C GLN A 20 1.34 4.81 3.92
N CYS A 21 1.63 3.66 3.32
CA CYS A 21 1.33 3.44 1.91
C CYS A 21 -0.18 3.45 1.67
N MET A 22 -0.91 2.80 2.56
CA MET A 22 -2.37 2.73 2.45
C MET A 22 -2.99 4.12 2.56
N LYS A 23 -2.58 4.88 3.57
CA LYS A 23 -3.10 6.23 3.78
C LYS A 23 -2.89 7.08 2.53
N GLY A 24 -1.71 6.98 1.93
CA GLY A 24 -1.41 7.74 0.74
C GLY A 24 -2.09 7.18 -0.50
N CYS A 25 -2.30 5.87 -0.51
CA CYS A 25 -2.94 5.21 -1.65
C CYS A 25 -4.46 5.26 -1.52
N ARG A 26 -4.93 5.89 -0.45
CA ARG A 26 -6.36 6.01 -0.21
C ARG A 26 -6.95 7.18 -1.00
N TYR A 27 -6.10 7.86 -1.75
CA TYR A 27 -6.52 9.00 -2.56
C TYR A 27 -7.16 8.53 -3.86
N GLY A 28 -6.39 7.82 -4.67
CA GLY A 28 -6.89 7.32 -5.94
C GLY A 28 -7.75 6.08 -5.78
#